data_3OPK
#
_entry.id   3OPK
#
_cell.length_a   62.333
_cell.length_b   107.925
_cell.length_c   52.177
_cell.angle_alpha   90.00
_cell.angle_beta   90.00
_cell.angle_gamma   90.00
#
_symmetry.space_group_name_H-M   'P 21 21 2'
#
loop_
_entity.id
_entity.type
_entity.pdbx_description
1 polymer 'Divalent-cation tolerance protein cutA'
2 non-polymer 'SODIUM ION'
3 non-polymer 'ACETATE ION'
4 non-polymer 'MAGNESIUM ION'
5 water water
#
_entity_poly.entity_id   1
_entity_poly.type   'polypeptide(L)'
_entity_poly.pdbx_seq_one_letter_code
;SNAMLDVKSQDISIPEAVVVLCTAPDEATAQDLAAKVLAEKLAACATLLPGATSLYYWEGKLEQEYEVQMILKTTVSHQQ
ALIDCLKSHHPYQTPELLVLPVTHGDTDYLSWLNASLR
;
_entity_poly.pdbx_strand_id   A,B,C
#
loop_
_chem_comp.id
_chem_comp.type
_chem_comp.name
_chem_comp.formula
ACT non-polymer 'ACETATE ION' 'C2 H3 O2 -1'
MG non-polymer 'MAGNESIUM ION' 'Mg 2'
NA non-polymer 'SODIUM ION' 'Na 1'
#
# COMPACT_ATOMS: atom_id res chain seq x y z
N PRO A 15 13.73 -15.21 0.82
CA PRO A 15 13.79 -13.74 0.58
C PRO A 15 12.53 -13.05 1.05
N GLU A 16 12.57 -12.57 2.30
CA GLU A 16 11.38 -12.01 2.98
C GLU A 16 11.30 -10.46 2.82
N ALA A 17 10.64 -10.04 1.75
CA ALA A 17 10.48 -8.62 1.45
C ALA A 17 9.39 -7.94 2.29
N VAL A 18 9.48 -6.62 2.40
CA VAL A 18 8.47 -5.81 3.02
C VAL A 18 8.44 -4.50 2.20
N VAL A 19 7.35 -3.75 2.36
CA VAL A 19 7.30 -2.39 1.87
C VAL A 19 7.15 -1.45 3.03
N VAL A 20 7.80 -0.29 3.00
CA VAL A 20 7.74 0.64 4.10
C VAL A 20 7.10 1.88 3.52
N LEU A 21 5.99 2.28 4.13
CA LEU A 21 5.33 3.49 3.79
C LEU A 21 5.87 4.66 4.62
N CYS A 22 6.20 5.75 3.96
CA CYS A 22 6.59 6.94 4.69
C CYS A 22 5.97 8.12 3.97
N THR A 23 5.55 9.12 4.74
CA THR A 23 4.91 10.30 4.19
C THR A 23 5.88 11.46 4.30
N ALA A 24 6.24 12.07 3.15
CA ALA A 24 7.12 13.22 3.07
C ALA A 24 6.38 14.52 2.75
N PRO A 25 6.91 15.68 3.14
CA PRO A 25 6.22 16.95 2.88
C PRO A 25 6.13 17.39 1.43
N ASP A 26 7.13 17.00 0.61
CA ASP A 26 7.21 17.39 -0.77
C ASP A 26 8.17 16.51 -1.53
N GLU A 27 8.28 16.75 -2.84
CA GLU A 27 8.95 15.80 -3.70
C GLU A 27 10.46 15.96 -3.44
N ALA A 28 10.91 17.20 -3.21
CA ALA A 28 12.33 17.49 -2.91
C ALA A 28 12.76 16.67 -1.74
N THR A 29 11.95 16.71 -0.66
CA THR A 29 12.27 15.99 0.57
C THR A 29 12.20 14.49 0.40
N ALA A 30 11.16 14.02 -0.32
CA ALA A 30 10.99 12.59 -0.60
C ALA A 30 12.21 12.03 -1.38
N GLN A 31 12.70 12.78 -2.35
CA GLN A 31 13.87 12.42 -3.16
C GLN A 31 15.17 12.35 -2.32
N ASP A 32 15.37 13.35 -1.46
CA ASP A 32 16.46 13.37 -0.52
C ASP A 32 16.41 12.17 0.40
N LEU A 33 15.24 11.90 0.94
CA LEU A 33 15.09 10.75 1.83
C LEU A 33 15.38 9.44 1.12
N ALA A 34 14.76 9.23 -0.03
CA ALA A 34 14.97 8.03 -0.86
C ALA A 34 16.44 7.83 -1.19
N ALA A 35 17.09 8.92 -1.58
CA ALA A 35 18.56 8.88 -1.90
C ALA A 35 19.43 8.38 -0.73
N LYS A 36 19.13 8.88 0.45
CA LYS A 36 19.87 8.57 1.62
C LYS A 36 19.76 7.10 1.91
N VAL A 37 18.55 6.59 1.88
CA VAL A 37 18.37 5.18 2.32
C VAL A 37 18.85 4.21 1.30
N LEU A 38 18.78 4.59 0.03
CA LEU A 38 19.26 3.76 -1.05
C LEU A 38 20.78 3.80 -1.03
N ALA A 39 21.36 4.96 -0.79
CA ALA A 39 22.84 5.06 -0.72
C ALA A 39 23.40 4.23 0.44
N GLU A 40 22.65 4.10 1.53
CA GLU A 40 23.09 3.24 2.65
C GLU A 40 22.70 1.77 2.45
N LYS A 41 22.10 1.47 1.29
CA LYS A 41 21.65 0.13 0.90
C LYS A 41 20.75 -0.47 2.00
N LEU A 42 19.84 0.35 2.52
CA LEU A 42 18.77 -0.06 3.45
C LEU A 42 17.42 -0.38 2.75
N ALA A 43 17.29 0.08 1.52
CA ALA A 43 16.24 -0.18 0.57
C ALA A 43 16.84 -0.50 -0.82
N ALA A 44 16.17 -1.36 -1.57
CA ALA A 44 16.53 -1.69 -2.95
C ALA A 44 16.01 -0.64 -3.93
N CYS A 45 14.83 -0.07 -3.67
CA CYS A 45 14.28 0.94 -4.52
C CYS A 45 13.12 1.61 -3.78
N ALA A 46 12.76 2.79 -4.27
CA ALA A 46 11.81 3.69 -3.69
C ALA A 46 10.85 4.12 -4.79
N THR A 47 9.58 4.18 -4.48
CA THR A 47 8.56 4.75 -5.35
C THR A 47 8.00 5.96 -4.62
N LEU A 48 7.95 7.08 -5.34
CA LEU A 48 7.30 8.29 -4.84
C LEU A 48 5.99 8.54 -5.57
N LEU A 49 4.95 8.75 -4.79
CA LEU A 49 3.56 9.05 -5.30
C LEU A 49 3.22 10.48 -4.86
N PRO A 50 3.35 11.47 -5.77
CA PRO A 50 3.13 12.85 -5.40
C PRO A 50 1.65 13.18 -5.34
N GLY A 51 1.32 14.37 -4.89
CA GLY A 51 -0.04 14.87 -4.93
C GLY A 51 -0.97 14.15 -4.01
N ALA A 52 -0.49 13.78 -2.81
CA ALA A 52 -1.31 13.17 -1.78
C ALA A 52 -1.87 14.29 -0.95
N THR A 53 -3.15 14.14 -0.58
CA THR A 53 -3.81 15.03 0.38
C THR A 53 -3.91 14.19 1.66
N SER A 54 -3.35 14.70 2.74
CA SER A 54 -3.50 14.04 4.04
C SER A 54 -4.50 14.75 4.90
N LEU A 55 -5.26 13.97 5.63
CA LEU A 55 -6.16 14.56 6.63
C LEU A 55 -6.00 13.92 8.00
N TYR A 56 -6.03 14.78 9.01
CA TYR A 56 -5.82 14.45 10.42
C TYR A 56 -6.83 15.20 11.25
N TYR A 57 -7.04 14.72 12.47
CA TYR A 57 -8.09 15.31 13.31
C TYR A 57 -7.46 15.46 14.67
N TRP A 58 -7.19 16.72 15.08
CA TRP A 58 -6.47 17.10 16.30
C TRP A 58 -7.29 18.12 17.13
N GLU A 59 -7.56 17.80 18.39
CA GLU A 59 -8.23 18.77 19.30
C GLU A 59 -9.49 19.39 18.66
N GLY A 60 -10.31 18.56 18.04
CA GLY A 60 -11.61 18.98 17.56
C GLY A 60 -11.64 19.58 16.18
N LYS A 61 -10.47 19.68 15.53
CA LYS A 61 -10.29 20.29 14.19
C LYS A 61 -9.60 19.40 13.14
N LEU A 62 -10.21 19.34 11.95
CA LEU A 62 -9.69 18.62 10.81
C LEU A 62 -8.53 19.41 10.15
N GLU A 63 -7.38 18.79 10.00
CA GLU A 63 -6.25 19.43 9.40
C GLU A 63 -5.93 18.77 8.08
N GLN A 64 -5.84 19.55 7.01
CA GLN A 64 -5.50 19.03 5.66
C GLN A 64 -4.15 19.58 5.18
N GLU A 65 -3.32 18.67 4.69
CA GLU A 65 -1.93 18.95 4.21
C GLU A 65 -1.72 18.30 2.87
N TYR A 66 -0.69 18.71 2.11
CA TYR A 66 -0.41 18.09 0.82
C TYR A 66 1.01 17.52 0.97
N GLU A 67 1.14 16.22 0.74
CA GLU A 67 2.35 15.45 1.01
C GLU A 67 2.59 14.52 -0.17
N VAL A 68 3.68 13.73 -0.05
CA VAL A 68 4.13 12.74 -0.97
C VAL A 68 4.12 11.33 -0.28
N GLN A 69 3.53 10.30 -0.91
CA GLN A 69 3.54 8.98 -0.35
C GLN A 69 4.75 8.23 -0.88
N MET A 70 5.63 7.82 0.00
CA MET A 70 6.74 6.97 -0.36
C MET A 70 6.43 5.50 -0.10
N ILE A 71 6.95 4.62 -0.96
CA ILE A 71 6.96 3.19 -0.78
C ILE A 71 8.44 2.72 -0.97
N LEU A 72 9.02 2.15 0.08
CA LEU A 72 10.42 1.77 0.03
C LEU A 72 10.41 0.23 0.09
N LYS A 73 11.19 -0.38 -0.77
CA LYS A 73 11.25 -1.84 -0.90
C LYS A 73 12.48 -2.29 -0.15
N THR A 74 12.27 -3.19 0.80
CA THR A 74 13.35 -3.72 1.59
C THR A 74 13.07 -5.16 2.10
N THR A 75 13.91 -5.66 3.02
CA THR A 75 13.73 -6.98 3.68
C THR A 75 13.45 -6.79 5.19
N VAL A 76 12.85 -7.82 5.79
CA VAL A 76 12.59 -7.79 7.22
C VAL A 76 13.90 -7.54 7.97
N SER A 77 15.00 -8.07 7.49
CA SER A 77 16.27 -7.90 8.25
C SER A 77 16.71 -6.43 8.31
N HIS A 78 16.31 -5.67 7.30
CA HIS A 78 16.66 -4.29 7.19
C HIS A 78 15.57 -3.30 7.61
N GLN A 79 14.38 -3.78 7.95
CA GLN A 79 13.27 -2.87 8.15
C GLN A 79 13.53 -1.86 9.28
N GLN A 80 14.16 -2.28 10.39
CA GLN A 80 14.41 -1.37 11.51
C GLN A 80 15.40 -0.29 11.24
N ALA A 81 16.51 -0.67 10.60
CA ALA A 81 17.52 0.27 10.29
C ALA A 81 17.00 1.28 9.25
N LEU A 82 16.26 0.82 8.26
CA LEU A 82 15.57 1.70 7.32
C LEU A 82 14.72 2.69 8.05
N ILE A 83 13.83 2.19 8.93
CA ILE A 83 12.93 3.10 9.68
C ILE A 83 13.73 4.14 10.45
N ASP A 84 14.82 3.69 11.06
CA ASP A 84 15.61 4.60 11.93
C ASP A 84 16.31 5.69 11.11
N CYS A 85 16.79 5.31 9.95
CA CYS A 85 17.44 6.25 9.06
C CYS A 85 16.47 7.29 8.47
N LEU A 86 15.31 6.81 8.06
CA LEU A 86 14.28 7.69 7.51
C LEU A 86 13.87 8.69 8.55
N LYS A 87 13.65 8.18 9.77
CA LYS A 87 13.19 9.02 10.85
C LYS A 87 14.19 10.13 11.21
N SER A 88 15.45 9.75 11.26
CA SER A 88 16.50 10.64 11.61
C SER A 88 16.60 11.78 10.62
N HIS A 89 16.49 11.45 9.34
CA HIS A 89 16.69 12.46 8.29
C HIS A 89 15.41 13.26 7.94
N HIS A 90 14.28 12.75 8.44
CA HIS A 90 13.00 13.35 8.13
C HIS A 90 12.87 14.66 8.93
N PRO A 91 12.36 15.72 8.26
CA PRO A 91 12.13 16.96 9.01
C PRO A 91 11.10 16.86 10.10
N TYR A 92 10.16 15.94 9.97
CA TYR A 92 9.15 15.82 11.03
C TYR A 92 9.78 15.09 12.20
N GLN A 93 9.28 15.39 13.38
CA GLN A 93 9.69 14.65 14.55
C GLN A 93 9.22 13.17 14.49
N THR A 94 7.92 12.96 14.22
CA THR A 94 7.27 11.67 14.23
C THR A 94 6.48 11.39 12.93
N PRO A 95 7.20 11.20 11.81
CA PRO A 95 6.63 10.93 10.50
C PRO A 95 6.01 9.54 10.44
N GLU A 96 5.02 9.36 9.58
CA GLU A 96 4.37 8.06 9.41
C GLU A 96 5.41 7.15 8.86
N LEU A 97 5.67 6.04 9.53
CA LEU A 97 6.55 5.02 9.11
C LEU A 97 5.91 3.69 9.48
N LEU A 98 5.44 2.96 8.46
CA LEU A 98 4.71 1.72 8.63
C LEU A 98 5.26 0.64 7.73
N VAL A 99 5.23 -0.60 8.17
CA VAL A 99 5.67 -1.66 7.32
C VAL A 99 4.52 -2.55 6.95
N LEU A 100 4.44 -2.88 5.67
CA LEU A 100 3.54 -3.98 5.23
C LEU A 100 4.29 -5.19 4.72
N PRO A 101 3.79 -6.39 5.02
CA PRO A 101 4.51 -7.55 4.48
C PRO A 101 4.21 -7.84 3.00
N VAL A 102 5.24 -8.33 2.33
CA VAL A 102 5.13 -9.01 1.07
C VAL A 102 5.09 -10.50 1.27
N THR A 103 3.97 -11.11 0.91
CA THR A 103 3.73 -12.54 1.09
C THR A 103 4.01 -13.31 -0.16
N HIS A 104 4.24 -12.62 -1.27
CA HIS A 104 4.64 -13.29 -2.49
C HIS A 104 5.21 -12.29 -3.48
N GLY A 105 5.75 -12.78 -4.56
CA GLY A 105 6.25 -11.92 -5.62
C GLY A 105 6.96 -12.72 -6.65
N ASP A 106 7.43 -12.06 -7.69
CA ASP A 106 8.25 -12.77 -8.70
C ASP A 106 9.65 -13.12 -8.13
N THR A 107 10.06 -14.40 -8.24
CA THR A 107 11.28 -14.86 -7.61
C THR A 107 12.52 -14.09 -8.05
N ASP A 108 12.67 -13.79 -9.34
CA ASP A 108 13.86 -13.09 -9.82
C ASP A 108 13.87 -11.66 -9.28
N TYR A 109 12.72 -11.00 -9.28
CA TYR A 109 12.64 -9.66 -8.67
C TYR A 109 13.05 -9.68 -7.17
N LEU A 110 12.47 -10.64 -6.42
CA LEU A 110 12.72 -10.75 -4.99
C LEU A 110 14.19 -11.08 -4.79
N SER A 111 14.78 -11.87 -5.69
CA SER A 111 16.23 -12.11 -5.60
C SER A 111 17.10 -10.88 -5.81
N TRP A 112 16.81 -10.09 -6.83
CA TRP A 112 17.46 -8.77 -7.01
C TRP A 112 17.27 -7.86 -5.79
N LEU A 113 16.05 -7.74 -5.32
CA LEU A 113 15.79 -6.88 -4.16
C LEU A 113 16.75 -7.24 -2.99
N ASN A 114 16.82 -8.52 -2.70
CA ASN A 114 17.62 -8.99 -1.59
C ASN A 114 19.14 -8.83 -1.81
N ALA A 115 19.64 -9.17 -2.99
CA ALA A 115 21.05 -8.94 -3.39
C ALA A 115 21.54 -7.45 -3.30
N SER A 116 20.65 -6.53 -3.58
CA SER A 116 20.85 -5.09 -3.54
C SER A 116 21.18 -4.50 -2.19
N LEU A 117 20.83 -5.21 -1.11
CA LEU A 117 20.87 -4.66 0.25
C LEU A 117 22.22 -4.91 0.98
N ARG A 118 22.54 -4.09 1.99
CA ARG A 118 23.87 -4.13 2.66
C ARG A 118 24.16 -5.49 3.33
N MET B 4 3.27 -20.81 17.04
CA MET B 4 3.72 -20.14 18.28
C MET B 4 2.78 -19.05 18.73
N LEU B 5 2.42 -18.15 17.82
CA LEU B 5 1.44 -17.10 18.06
C LEU B 5 0.40 -17.12 16.95
N ASP B 6 -0.85 -17.08 17.34
CA ASP B 6 -1.96 -17.06 16.43
C ASP B 6 -2.77 -15.72 16.58
N VAL B 7 -2.83 -14.91 15.53
CA VAL B 7 -3.65 -13.68 15.50
C VAL B 7 -4.65 -13.85 14.39
N LYS B 8 -5.74 -14.55 14.69
CA LYS B 8 -6.65 -15.01 13.64
C LYS B 8 -7.37 -13.85 12.90
N SER B 9 -7.59 -12.71 13.57
CA SER B 9 -8.19 -11.50 12.91
CA SER B 9 -8.17 -11.50 12.93
C SER B 9 -7.15 -10.59 12.21
N GLN B 10 -5.89 -10.98 12.22
CA GLN B 10 -4.87 -10.25 11.51
C GLN B 10 -3.90 -11.29 11.04
N ASP B 11 -4.43 -12.23 10.24
CA ASP B 11 -3.71 -13.51 9.95
C ASP B 11 -3.08 -13.42 8.59
N ILE B 12 -1.82 -13.02 8.62
CA ILE B 12 -1.08 -12.68 7.44
C ILE B 12 -0.82 -13.95 6.60
N SER B 13 -0.87 -15.09 7.25
CA SER B 13 -0.64 -16.34 6.54
C SER B 13 -1.80 -16.81 5.68
N ILE B 14 -3.03 -16.33 5.95
CA ILE B 14 -4.20 -16.80 5.25
C ILE B 14 -4.99 -15.59 4.74
N PRO B 15 -4.55 -14.99 3.65
CA PRO B 15 -5.22 -13.79 3.20
C PRO B 15 -6.58 -14.08 2.59
N GLU B 16 -7.48 -13.12 2.75
CA GLU B 16 -8.79 -13.19 2.12
C GLU B 16 -8.79 -12.70 0.67
N ALA B 17 -7.76 -11.97 0.31
CA ALA B 17 -7.63 -11.39 -1.04
C ALA B 17 -6.13 -10.95 -1.06
N VAL B 18 -5.67 -10.41 -2.19
CA VAL B 18 -4.33 -9.87 -2.30
C VAL B 18 -4.35 -8.57 -3.12
N VAL B 19 -3.30 -7.77 -2.94
CA VAL B 19 -3.11 -6.57 -3.74
C VAL B 19 -1.74 -6.75 -4.38
N VAL B 20 -1.69 -6.67 -5.71
CA VAL B 20 -0.44 -6.81 -6.45
C VAL B 20 0.02 -5.41 -6.90
N LEU B 21 1.27 -5.13 -6.58
CA LEU B 21 1.99 -3.94 -7.02
C LEU B 21 2.84 -4.30 -8.24
N CYS B 22 2.65 -3.56 -9.32
CA CYS B 22 3.47 -3.69 -10.50
C CYS B 22 3.77 -2.28 -10.98
N THR B 23 5.00 -2.06 -11.39
CA THR B 23 5.46 -0.76 -11.93
C THR B 23 5.65 -0.88 -13.46
N ALA B 24 5.06 0.03 -14.23
CA ALA B 24 5.09 -0.03 -15.71
C ALA B 24 5.86 1.18 -16.13
N PRO B 25 6.61 1.12 -17.28
CA PRO B 25 7.44 2.24 -17.67
C PRO B 25 6.68 3.48 -18.13
N ASP B 26 5.43 3.34 -18.58
CA ASP B 26 4.70 4.47 -19.09
C ASP B 26 3.24 4.14 -19.05
N GLU B 27 2.44 5.16 -19.22
CA GLU B 27 0.97 5.03 -19.09
C GLU B 27 0.30 4.10 -20.15
N ALA B 28 0.72 4.18 -21.40
CA ALA B 28 0.26 3.27 -22.46
C ALA B 28 0.51 1.83 -22.08
N THR B 29 1.71 1.53 -21.60
CA THR B 29 2.05 0.15 -21.23
C THR B 29 1.23 -0.28 -20.03
N ALA B 30 1.05 0.62 -19.05
CA ALA B 30 0.29 0.25 -17.90
C ALA B 30 -1.18 -0.04 -18.25
N GLN B 31 -1.77 0.76 -19.14
CA GLN B 31 -3.18 0.56 -19.54
C GLN B 31 -3.33 -0.80 -20.28
N ASP B 32 -2.29 -1.15 -21.01
CA ASP B 32 -2.33 -2.35 -21.85
C ASP B 32 -2.20 -3.59 -20.97
N LEU B 33 -1.26 -3.51 -20.03
CA LEU B 33 -1.07 -4.55 -19.04
C LEU B 33 -2.33 -4.75 -18.23
N ALA B 34 -2.90 -3.67 -17.73
CA ALA B 34 -4.23 -3.71 -17.05
C ALA B 34 -5.30 -4.33 -17.92
N ALA B 35 -5.45 -3.90 -19.16
CA ALA B 35 -6.51 -4.42 -20.02
C ALA B 35 -6.42 -5.94 -20.18
N LYS B 36 -5.19 -6.38 -20.32
CA LYS B 36 -4.93 -7.78 -20.61
C LYS B 36 -5.28 -8.63 -19.39
N VAL B 37 -4.75 -8.28 -18.21
CA VAL B 37 -4.97 -9.11 -17.03
C VAL B 37 -6.46 -9.00 -16.67
N LEU B 38 -7.08 -7.89 -16.92
CA LEU B 38 -8.54 -7.82 -16.63
C LEU B 38 -9.41 -8.69 -17.59
N ALA B 39 -9.12 -8.58 -18.87
CA ALA B 39 -9.77 -9.37 -19.90
C ALA B 39 -9.58 -10.88 -19.64
N GLU B 40 -8.42 -11.30 -19.16
CA GLU B 40 -8.17 -12.68 -18.78
C GLU B 40 -8.80 -13.12 -17.46
N LYS B 41 -9.34 -12.14 -16.70
CA LYS B 41 -9.95 -12.41 -15.40
C LYS B 41 -9.00 -12.94 -14.36
N LEU B 42 -7.78 -12.41 -14.41
CA LEU B 42 -6.74 -12.66 -13.45
C LEU B 42 -6.70 -11.59 -12.33
N ALA B 43 -7.25 -10.40 -12.61
CA ALA B 43 -7.46 -9.38 -11.56
C ALA B 43 -8.90 -8.88 -11.74
N ALA B 44 -9.46 -8.29 -10.70
CA ALA B 44 -10.87 -7.74 -10.78
C ALA B 44 -10.91 -6.23 -11.12
N CYS B 45 -9.88 -5.50 -10.72
CA CYS B 45 -9.82 -4.03 -10.81
C CYS B 45 -8.29 -3.76 -10.91
N ALA B 46 -7.89 -2.74 -11.68
CA ALA B 46 -6.52 -2.24 -11.68
C ALA B 46 -6.62 -0.70 -11.46
N THR B 47 -5.83 -0.19 -10.53
CA THR B 47 -5.72 1.22 -10.26
C THR B 47 -4.34 1.69 -10.71
N LEU B 48 -4.28 2.75 -11.53
CA LEU B 48 -3.00 3.32 -12.04
C LEU B 48 -2.70 4.70 -11.48
N LEU B 49 -1.44 4.93 -11.19
CA LEU B 49 -0.98 6.22 -10.72
C LEU B 49 0.28 6.55 -11.55
N PRO B 50 0.09 7.17 -12.71
CA PRO B 50 1.14 7.57 -13.58
C PRO B 50 1.95 8.68 -12.91
N GLY B 51 3.18 8.89 -13.36
CA GLY B 51 3.96 10.01 -12.83
C GLY B 51 4.53 9.74 -11.44
N ALA B 52 4.62 8.48 -11.08
CA ALA B 52 5.26 8.05 -9.89
C ALA B 52 6.75 8.19 -10.29
N THR B 53 7.63 8.43 -9.32
CA THR B 53 9.07 8.46 -9.57
C THR B 53 9.65 7.21 -8.95
N SER B 54 10.55 6.52 -9.67
CA SER B 54 11.25 5.35 -9.15
C SER B 54 12.71 5.75 -8.99
N LEU B 55 13.27 5.43 -7.84
CA LEU B 55 14.61 5.76 -7.54
C LEU B 55 15.30 4.43 -7.16
N TYR B 56 16.49 4.21 -7.71
CA TYR B 56 17.30 3.00 -7.46
C TYR B 56 18.72 3.16 -8.00
N TYR B 57 19.60 2.33 -7.49
CA TYR B 57 20.92 2.10 -8.07
C TYR B 57 20.86 0.97 -9.14
N TRP B 58 21.47 1.28 -10.29
CA TRP B 58 21.66 0.30 -11.38
C TRP B 58 23.03 0.58 -12.03
N GLU B 59 23.86 -0.46 -12.16
CA GLU B 59 25.19 -0.36 -12.77
C GLU B 59 26.11 0.70 -12.06
N GLY B 60 25.92 0.85 -10.74
CA GLY B 60 26.72 1.78 -9.89
C GLY B 60 26.22 3.21 -9.75
N LYS B 61 25.06 3.50 -10.40
CA LYS B 61 24.55 4.86 -10.57
C LYS B 61 23.10 5.00 -10.03
N LEU B 62 22.77 6.16 -9.40
CA LEU B 62 21.40 6.48 -8.88
C LEU B 62 20.39 7.06 -9.88
N GLU B 63 19.46 6.25 -10.33
CA GLU B 63 18.53 6.65 -11.35
C GLU B 63 17.25 7.22 -10.75
N GLN B 64 16.60 8.11 -11.49
CA GLN B 64 15.23 8.58 -11.19
C GLN B 64 14.47 8.49 -12.46
N GLU B 65 13.36 7.75 -12.43
CA GLU B 65 12.66 7.51 -13.68
C GLU B 65 11.26 7.79 -13.38
N TYR B 66 10.55 8.39 -14.33
CA TYR B 66 9.09 8.50 -14.30
C TYR B 66 8.51 7.08 -14.62
N GLU B 67 7.60 6.56 -13.80
CA GLU B 67 6.98 5.25 -14.06
C GLU B 67 5.50 5.31 -13.63
N VAL B 68 4.78 4.23 -13.84
CA VAL B 68 3.39 4.17 -13.42
C VAL B 68 3.26 3.11 -12.36
N GLN B 69 2.69 3.48 -11.18
CA GLN B 69 2.38 2.54 -10.12
C GLN B 69 1.06 1.89 -10.40
N MET B 70 1.10 0.54 -10.52
CA MET B 70 -0.05 -0.25 -10.71
C MET B 70 -0.39 -0.98 -9.40
N ILE B 71 -1.67 -1.00 -9.08
CA ILE B 71 -2.28 -1.68 -7.92
C ILE B 71 -3.37 -2.59 -8.41
N LEU B 72 -3.16 -3.90 -8.35
CA LEU B 72 -4.17 -4.80 -8.91
C LEU B 72 -4.77 -5.69 -7.81
N LYS B 73 -6.09 -5.90 -7.85
CA LYS B 73 -6.84 -6.58 -6.83
C LYS B 73 -7.19 -7.95 -7.37
N THR B 74 -6.91 -9.00 -6.57
CA THR B 74 -7.19 -10.38 -6.97
C THR B 74 -7.22 -11.25 -5.73
N THR B 75 -7.22 -12.59 -5.89
CA THR B 75 -7.25 -13.51 -4.78
C THR B 75 -6.02 -14.32 -4.76
N VAL B 76 -5.77 -14.96 -3.61
CA VAL B 76 -4.52 -15.72 -3.45
C VAL B 76 -4.43 -16.81 -4.54
N SER B 77 -5.55 -17.44 -4.87
CA SER B 77 -5.55 -18.51 -5.89
C SER B 77 -5.09 -18.06 -7.26
N HIS B 78 -5.32 -16.80 -7.57
CA HIS B 78 -4.95 -16.17 -8.85
C HIS B 78 -3.60 -15.42 -8.88
N GLN B 79 -2.93 -15.29 -7.76
CA GLN B 79 -1.77 -14.40 -7.68
C GLN B 79 -0.64 -14.82 -8.56
N GLN B 80 -0.35 -16.13 -8.66
CA GLN B 80 0.78 -16.58 -9.45
C GLN B 80 0.48 -16.43 -10.93
N ALA B 81 -0.75 -16.76 -11.34
CA ALA B 81 -1.18 -16.62 -12.70
C ALA B 81 -1.12 -15.15 -13.15
N LEU B 82 -1.58 -14.21 -12.29
CA LEU B 82 -1.50 -12.79 -12.53
C LEU B 82 -0.07 -12.33 -12.72
N ILE B 83 0.77 -12.66 -11.78
CA ILE B 83 2.19 -12.25 -11.90
CA ILE B 83 2.21 -12.27 -11.88
C ILE B 83 2.84 -12.81 -13.16
N ASP B 84 2.56 -14.07 -13.50
CA ASP B 84 3.15 -14.64 -14.72
C ASP B 84 2.68 -13.93 -15.97
N CYS B 85 1.39 -13.59 -15.99
CA CYS B 85 0.82 -12.86 -17.13
C CYS B 85 1.42 -11.46 -17.24
N LEU B 86 1.55 -10.74 -16.13
CA LEU B 86 2.12 -9.41 -16.12
C LEU B 86 3.54 -9.44 -16.60
N LYS B 87 4.28 -10.37 -16.02
CA LYS B 87 5.69 -10.45 -16.33
C LYS B 87 5.92 -10.77 -17.83
N SER B 88 5.23 -11.73 -18.34
CA SER B 88 5.38 -12.09 -19.74
C SER B 88 5.08 -10.95 -20.69
N HIS B 89 4.09 -10.10 -20.37
CA HIS B 89 3.64 -9.04 -21.27
C HIS B 89 4.39 -7.71 -21.03
N HIS B 90 5.14 -7.65 -19.94
CA HIS B 90 5.82 -6.43 -19.52
C HIS B 90 7.09 -6.35 -20.36
N PRO B 91 7.46 -5.14 -20.81
CA PRO B 91 8.61 -5.00 -21.67
C PRO B 91 9.93 -5.32 -20.93
N TYR B 92 9.98 -5.11 -19.61
CA TYR B 92 11.20 -5.34 -18.82
C TYR B 92 11.32 -6.85 -18.62
N GLN B 93 12.55 -7.32 -18.43
CA GLN B 93 12.76 -8.75 -18.13
C GLN B 93 12.41 -9.08 -16.68
N THR B 94 12.70 -8.16 -15.75
CA THR B 94 12.43 -8.39 -14.34
C THR B 94 11.72 -7.22 -13.66
N PRO B 95 10.43 -7.00 -14.02
CA PRO B 95 9.71 -5.86 -13.42
C PRO B 95 9.39 -6.16 -11.98
N GLU B 96 9.13 -5.09 -11.24
CA GLU B 96 8.64 -5.19 -9.88
C GLU B 96 7.28 -5.83 -9.85
N LEU B 97 7.13 -6.94 -9.13
CA LEU B 97 5.92 -7.70 -9.04
C LEU B 97 5.85 -8.23 -7.62
N LEU B 98 5.02 -7.60 -6.78
CA LEU B 98 5.03 -7.88 -5.35
C LEU B 98 3.61 -8.05 -4.89
N VAL B 99 3.36 -8.90 -3.91
CA VAL B 99 2.00 -9.21 -3.54
C VAL B 99 1.93 -8.95 -2.07
N LEU B 100 0.85 -8.24 -1.68
CA LEU B 100 0.57 -7.87 -0.31
C LEU B 100 -0.78 -8.52 0.09
N PRO B 101 -0.88 -9.07 1.32
CA PRO B 101 -2.06 -9.76 1.83
C PRO B 101 -3.16 -8.86 2.37
N VAL B 102 -4.42 -9.21 2.06
CA VAL B 102 -5.60 -8.58 2.63
C VAL B 102 -6.12 -9.50 3.73
N THR B 103 -6.16 -9.01 4.96
CA THR B 103 -6.51 -9.82 6.07
C THR B 103 -8.03 -9.68 6.31
N HIS B 104 -8.67 -8.71 5.72
CA HIS B 104 -10.12 -8.58 5.90
C HIS B 104 -10.70 -7.77 4.75
N GLY B 105 -11.98 -7.99 4.41
CA GLY B 105 -12.56 -7.15 3.33
C GLY B 105 -14.05 -7.13 3.48
N ASP B 106 -14.69 -6.08 2.97
CA ASP B 106 -16.11 -6.01 2.96
C ASP B 106 -16.60 -7.27 2.25
N THR B 107 -17.63 -7.89 2.80
CA THR B 107 -18.12 -9.16 2.31
C THR B 107 -18.59 -9.08 0.86
N ASP B 108 -19.48 -8.10 0.61
CA ASP B 108 -20.00 -7.91 -0.72
C ASP B 108 -18.88 -7.61 -1.72
N TYR B 109 -17.85 -6.86 -1.32
CA TYR B 109 -16.75 -6.60 -2.24
C TYR B 109 -16.01 -7.87 -2.57
N LEU B 110 -15.75 -8.66 -1.55
CA LEU B 110 -15.04 -9.92 -1.76
C LEU B 110 -15.83 -10.89 -2.62
N SER B 111 -17.16 -10.89 -2.48
CA SER B 111 -18.04 -11.63 -3.34
C SER B 111 -17.96 -11.19 -4.82
N TRP B 112 -17.87 -9.86 -5.05
CA TRP B 112 -17.77 -9.34 -6.40
C TRP B 112 -16.41 -9.73 -6.99
N LEU B 113 -15.39 -9.63 -6.17
CA LEU B 113 -14.02 -9.88 -6.61
CA LEU B 113 -14.02 -9.89 -6.59
C LEU B 113 -13.91 -11.34 -7.07
N ASN B 114 -14.37 -12.26 -6.24
CA ASN B 114 -14.45 -13.70 -6.58
C ASN B 114 -15.29 -13.98 -7.83
N ALA B 115 -16.44 -13.28 -7.95
CA ALA B 115 -17.31 -13.45 -9.09
C ALA B 115 -16.62 -12.91 -10.32
N SER B 116 -15.75 -11.90 -10.16
CA SER B 116 -15.08 -11.34 -11.33
C SER B 116 -13.95 -12.22 -11.93
N LEU B 117 -13.36 -13.08 -11.14
CA LEU B 117 -12.12 -13.76 -11.51
C LEU B 117 -12.45 -15.09 -12.14
N ARG B 118 -11.54 -15.60 -12.97
CA ARG B 118 -11.84 -16.86 -13.67
C ARG B 118 -11.98 -18.07 -12.71
N SER C 1 11.53 -4.67 20.53
CA SER C 1 10.70 -3.72 21.34
C SER C 1 11.56 -2.99 22.43
N ASN C 2 10.94 -2.37 23.42
CA ASN C 2 11.74 -1.87 24.59
C ASN C 2 11.79 -2.83 25.81
N ALA C 3 11.36 -4.08 25.62
CA ALA C 3 11.34 -5.07 26.69
C ALA C 3 12.76 -5.59 26.82
N MET C 4 13.22 -5.68 28.06
CA MET C 4 14.55 -6.19 28.40
C MET C 4 14.45 -7.70 28.40
N LEU C 5 14.42 -8.26 27.21
CA LEU C 5 14.19 -9.64 26.98
C LEU C 5 15.20 -10.20 25.97
N ASP C 6 15.43 -11.52 26.07
CA ASP C 6 16.13 -12.26 25.02
C ASP C 6 15.53 -11.85 23.67
N VAL C 7 16.38 -11.65 22.68
CA VAL C 7 15.93 -11.22 21.35
C VAL C 7 14.88 -12.22 20.78
N LYS C 8 14.98 -13.48 21.16
CA LYS C 8 13.95 -14.51 20.81
C LYS C 8 12.57 -14.19 21.35
N SER C 9 12.54 -13.49 22.47
CA SER C 9 11.29 -13.20 23.12
C SER C 9 10.82 -11.77 22.88
N GLN C 10 11.60 -10.99 22.11
CA GLN C 10 11.24 -9.64 21.65
C GLN C 10 10.51 -9.68 20.32
N ASP C 11 9.55 -8.77 20.15
CA ASP C 11 8.79 -8.55 18.90
C ASP C 11 8.04 -9.81 18.53
N ILE C 12 7.31 -10.38 19.48
CA ILE C 12 6.65 -11.68 19.18
C ILE C 12 5.25 -11.49 18.55
N SER C 13 4.78 -10.26 18.54
CA SER C 13 3.52 -10.00 17.84
C SER C 13 3.61 -8.81 16.86
N ILE C 14 2.46 -8.32 16.41
CA ILE C 14 2.43 -7.27 15.40
C ILE C 14 1.52 -6.14 15.92
N PRO C 15 1.67 -4.95 15.35
CA PRO C 15 0.88 -3.81 15.73
C PRO C 15 -0.57 -4.08 15.39
N GLU C 16 -1.38 -3.53 16.21
CA GLU C 16 -2.82 -3.49 15.96
CA GLU C 16 -2.81 -3.44 16.00
C GLU C 16 -3.15 -2.63 14.71
N ALA C 17 -2.24 -1.75 14.30
CA ALA C 17 -2.40 -0.89 13.12
C ALA C 17 -2.65 -1.69 11.83
N VAL C 18 -3.58 -1.15 11.01
CA VAL C 18 -3.92 -1.64 9.69
C VAL C 18 -4.08 -0.46 8.78
N VAL C 19 -4.00 -0.73 7.48
CA VAL C 19 -4.33 0.30 6.49
C VAL C 19 -5.52 -0.20 5.66
N VAL C 20 -6.47 0.66 5.39
CA VAL C 20 -7.65 0.29 4.64
C VAL C 20 -7.60 1.07 3.29
N LEU C 21 -7.73 0.31 2.21
CA LEU C 21 -7.83 0.81 0.84
C LEU C 21 -9.28 0.94 0.44
N CYS C 22 -9.62 2.06 -0.16
CA CYS C 22 -10.98 2.32 -0.70
C CYS C 22 -10.78 3.22 -1.91
N THR C 23 -11.63 3.13 -2.94
CA THR C 23 -11.54 4.05 -4.07
C THR C 23 -12.80 4.84 -4.13
N ALA C 24 -12.68 6.15 -4.34
CA ALA C 24 -13.84 7.04 -4.46
C ALA C 24 -13.92 7.60 -5.91
N PRO C 25 -15.12 8.03 -6.35
CA PRO C 25 -15.26 8.47 -7.73
C PRO C 25 -14.62 9.83 -8.07
N ASP C 26 -14.36 10.67 -7.07
CA ASP C 26 -13.89 12.00 -7.26
C ASP C 26 -13.38 12.58 -5.92
N GLU C 27 -12.56 13.61 -6.09
CA GLU C 27 -11.83 14.23 -5.01
C GLU C 27 -12.76 14.70 -3.87
N ALA C 28 -13.82 15.43 -4.20
CA ALA C 28 -14.72 15.95 -3.17
C ALA C 28 -15.39 14.83 -2.39
N THR C 29 -15.82 13.79 -3.11
CA THR C 29 -16.38 12.62 -2.41
C THR C 29 -15.36 11.97 -1.44
N ALA C 30 -14.13 11.79 -1.92
CA ALA C 30 -13.06 11.15 -1.14
C ALA C 30 -12.81 12.01 0.10
N GLN C 31 -12.75 13.32 -0.06
CA GLN C 31 -12.52 14.21 1.11
C GLN C 31 -13.67 14.12 2.17
N ASP C 32 -14.90 14.09 1.70
CA ASP C 32 -16.04 14.04 2.59
C ASP C 32 -16.13 12.71 3.32
N LEU C 33 -15.90 11.62 2.62
CA LEU C 33 -15.76 10.30 3.25
C LEU C 33 -14.68 10.24 4.30
N ALA C 34 -13.47 10.73 3.97
CA ALA C 34 -12.36 10.75 4.90
C ALA C 34 -12.70 11.58 6.16
N ALA C 35 -13.27 12.77 5.94
CA ALA C 35 -13.57 13.66 7.04
C ALA C 35 -14.61 12.98 7.96
N LYS C 36 -15.46 12.15 7.39
CA LYS C 36 -16.56 11.56 8.18
C LYS C 36 -15.94 10.48 9.07
N VAL C 37 -15.06 9.66 8.51
CA VAL C 37 -14.51 8.55 9.26
C VAL C 37 -13.58 9.09 10.35
N LEU C 38 -12.97 10.22 10.08
CA LEU C 38 -12.09 10.86 11.05
C LEU C 38 -12.85 11.47 12.20
N ALA C 39 -13.92 12.18 11.88
CA ALA C 39 -14.89 12.74 12.85
C ALA C 39 -15.48 11.69 13.79
N GLU C 40 -15.74 10.51 13.24
CA GLU C 40 -16.22 9.39 13.99
C GLU C 40 -15.13 8.59 14.75
N LYS C 41 -13.89 9.02 14.64
CA LYS C 41 -12.74 8.33 15.19
C LYS C 41 -12.71 6.84 14.84
N LEU C 42 -12.96 6.57 13.59
CA LEU C 42 -12.82 5.23 13.01
C LEU C 42 -11.44 5.03 12.27
N ALA C 43 -10.70 6.11 12.08
CA ALA C 43 -9.33 6.06 11.55
C ALA C 43 -8.56 7.14 12.22
N ALA C 44 -7.26 7.03 12.22
CA ALA C 44 -6.34 8.04 12.75
C ALA C 44 -6.02 9.15 11.76
N CYS C 45 -5.88 8.76 10.50
CA CYS C 45 -5.57 9.75 9.44
C CYS C 45 -5.85 9.11 8.13
N ALA C 46 -6.02 9.95 7.11
CA ALA C 46 -6.39 9.51 5.78
C ALA C 46 -5.43 10.08 4.77
N THR C 47 -5.08 9.27 3.75
CA THR C 47 -4.25 9.74 2.66
C THR C 47 -5.01 9.55 1.40
N LEU C 48 -5.13 10.62 0.58
CA LEU C 48 -5.86 10.53 -0.67
C LEU C 48 -4.97 10.75 -1.84
N LEU C 49 -5.13 9.96 -2.88
CA LEU C 49 -4.38 10.13 -4.12
C LEU C 49 -5.36 10.39 -5.26
N PRO C 50 -5.71 11.66 -5.46
CA PRO C 50 -6.65 11.96 -6.55
C PRO C 50 -6.05 11.80 -7.93
N GLY C 51 -6.89 11.88 -8.95
CA GLY C 51 -6.38 11.78 -10.32
C GLY C 51 -5.77 10.45 -10.75
N ALA C 52 -6.16 9.36 -10.08
CA ALA C 52 -5.87 7.99 -10.50
C ALA C 52 -6.85 7.55 -11.59
N THR C 53 -6.36 6.58 -12.35
CA THR C 53 -7.11 5.85 -13.36
C THR C 53 -7.44 4.46 -12.88
N SER C 54 -8.72 4.11 -12.74
CA SER C 54 -9.11 2.73 -12.53
C SER C 54 -9.72 2.06 -13.79
N LEU C 55 -9.43 0.77 -13.96
CA LEU C 55 -10.00 -0.01 -15.01
C LEU C 55 -10.67 -1.24 -14.43
N TYR C 56 -11.83 -1.58 -15.03
CA TYR C 56 -12.69 -2.68 -14.65
C TYR C 56 -13.10 -3.36 -15.95
N TYR C 57 -13.58 -4.58 -15.83
CA TYR C 57 -14.10 -5.31 -16.98
C TYR C 57 -15.46 -5.78 -16.51
N TRP C 58 -16.48 -4.94 -16.71
CA TRP C 58 -17.88 -5.25 -16.34
C TRP C 58 -18.77 -5.56 -17.54
N GLU C 59 -19.40 -6.72 -17.47
CA GLU C 59 -20.38 -7.14 -18.42
C GLU C 59 -19.75 -7.33 -19.81
N GLY C 60 -18.46 -7.70 -19.85
CA GLY C 60 -17.75 -7.99 -21.11
C GLY C 60 -17.17 -6.77 -21.81
N LYS C 61 -17.04 -5.65 -21.10
CA LYS C 61 -16.42 -4.45 -21.67
C LYS C 61 -15.56 -3.75 -20.63
N LEU C 62 -14.36 -3.46 -21.07
CA LEU C 62 -13.38 -2.74 -20.31
C LEU C 62 -13.88 -1.31 -20.06
N GLU C 63 -13.77 -0.86 -18.82
CA GLU C 63 -14.17 0.50 -18.45
C GLU C 63 -13.05 1.15 -17.73
N GLN C 64 -13.01 2.46 -17.85
CA GLN C 64 -11.93 3.24 -17.35
C GLN C 64 -12.46 4.52 -16.72
N GLU C 65 -12.07 4.80 -15.49
CA GLU C 65 -12.61 5.93 -14.73
C GLU C 65 -11.50 6.67 -14.04
N TYR C 66 -11.69 7.96 -13.82
CA TYR C 66 -10.83 8.68 -12.94
C TYR C 66 -11.34 8.44 -11.56
N GLU C 67 -10.44 8.10 -10.65
CA GLU C 67 -10.84 7.78 -9.29
C GLU C 67 -9.87 8.31 -8.27
N VAL C 68 -10.26 8.32 -6.99
CA VAL C 68 -9.35 8.65 -5.94
C VAL C 68 -8.97 7.41 -5.12
N GLN C 69 -7.68 7.13 -5.02
CA GLN C 69 -7.24 6.04 -4.18
C GLN C 69 -7.14 6.57 -2.74
N MET C 70 -7.90 5.95 -1.86
CA MET C 70 -7.86 6.31 -0.44
C MET C 70 -7.06 5.24 0.33
N ILE C 71 -6.30 5.70 1.31
CA ILE C 71 -5.62 4.83 2.27
C ILE C 71 -5.89 5.37 3.68
N LEU C 72 -6.62 4.61 4.48
CA LEU C 72 -6.97 5.03 5.82
C LEU C 72 -6.12 4.24 6.85
N LYS C 73 -5.59 4.92 7.83
CA LYS C 73 -4.85 4.24 8.87
C LYS C 73 -5.78 4.00 10.04
N THR C 74 -5.94 2.74 10.46
CA THR C 74 -6.76 2.48 11.60
C THR C 74 -6.19 1.29 12.38
N THR C 75 -7.01 0.68 13.14
CA THR C 75 -6.61 -0.52 13.88
C THR C 75 -7.64 -1.66 13.63
N VAL C 76 -7.22 -2.91 13.91
CA VAL C 76 -8.07 -4.08 13.74
C VAL C 76 -9.35 -3.93 14.52
N SER C 77 -9.32 -3.36 15.71
CA SER C 77 -10.52 -3.15 16.49
C SER C 77 -11.53 -2.27 15.82
N HIS C 78 -11.07 -1.32 15.01
CA HIS C 78 -11.99 -0.48 14.36
C HIS C 78 -12.21 -0.81 12.89
N GLN C 79 -11.60 -1.87 12.35
CA GLN C 79 -11.58 -1.99 10.89
C GLN C 79 -13.03 -2.21 10.38
N GLN C 80 -13.80 -2.99 11.08
CA GLN C 80 -15.18 -3.29 10.64
C GLN C 80 -16.13 -2.09 10.69
N ALA C 81 -16.04 -1.28 11.75
CA ALA C 81 -16.89 -0.12 11.87
C ALA C 81 -16.47 0.91 10.82
N LEU C 82 -15.17 0.97 10.51
CA LEU C 82 -14.70 1.87 9.44
C LEU C 82 -15.25 1.47 8.08
N ILE C 83 -15.16 0.17 7.79
CA ILE C 83 -15.65 -0.34 6.54
CA ILE C 83 -15.68 -0.42 6.57
C ILE C 83 -17.14 -0.10 6.46
N ASP C 84 -17.84 -0.34 7.54
CA ASP C 84 -19.31 -0.21 7.49
C ASP C 84 -19.71 1.27 7.28
N CYS C 85 -18.96 2.18 7.86
CA CYS C 85 -19.19 3.62 7.72
C CYS C 85 -18.91 4.05 6.28
N LEU C 86 -17.75 3.69 5.74
CA LEU C 86 -17.46 3.96 4.33
C LEU C 86 -18.55 3.38 3.40
N LYS C 87 -18.94 2.16 3.66
CA LYS C 87 -19.88 1.52 2.79
C LYS C 87 -21.23 2.24 2.78
N SER C 88 -21.74 2.58 3.97
CA SER C 88 -23.02 3.25 4.14
C SER C 88 -22.99 4.60 3.40
N HIS C 89 -21.85 5.30 3.42
CA HIS C 89 -21.84 6.62 2.81
C HIS C 89 -21.26 6.69 1.43
N HIS C 90 -20.98 5.53 0.84
CA HIS C 90 -20.32 5.52 -0.47
C HIS C 90 -21.34 5.46 -1.55
N PRO C 91 -21.13 6.23 -2.63
CA PRO C 91 -22.10 6.20 -3.70
C PRO C 91 -22.21 4.88 -4.44
N TYR C 92 -21.14 4.12 -4.45
CA TYR C 92 -21.12 2.90 -5.23
C TYR C 92 -21.86 1.82 -4.47
N GLN C 93 -22.46 0.92 -5.21
CA GLN C 93 -23.03 -0.24 -4.58
C GLN C 93 -22.07 -1.13 -3.78
N THR C 94 -20.89 -1.39 -4.34
CA THR C 94 -19.98 -2.35 -3.75
C THR C 94 -18.59 -1.80 -3.91
N PRO C 95 -18.27 -0.78 -3.13
CA PRO C 95 -16.97 -0.15 -3.19
C PRO C 95 -15.86 -1.04 -2.68
N GLU C 96 -14.67 -0.84 -3.20
CA GLU C 96 -13.51 -1.50 -2.70
C GLU C 96 -13.21 -1.10 -1.24
N LEU C 97 -13.05 -2.12 -0.42
CA LEU C 97 -12.89 -1.97 1.03
C LEU C 97 -12.04 -3.19 1.46
N LEU C 98 -10.76 -2.95 1.59
CA LEU C 98 -9.70 -4.00 1.79
C LEU C 98 -8.75 -3.57 2.91
N VAL C 99 -8.45 -4.46 3.86
CA VAL C 99 -7.57 -4.20 4.99
C VAL C 99 -6.20 -4.88 4.77
N LEU C 100 -5.16 -4.07 4.78
CA LEU C 100 -3.76 -4.56 4.79
C LEU C 100 -3.15 -4.45 6.14
N PRO C 101 -2.49 -5.50 6.58
CA PRO C 101 -1.92 -5.49 7.95
C PRO C 101 -0.58 -4.82 8.08
N VAL C 102 -0.41 -3.93 9.02
CA VAL C 102 0.86 -3.37 9.34
C VAL C 102 1.57 -4.32 10.31
N THR C 103 2.77 -4.72 9.95
CA THR C 103 3.52 -5.71 10.70
C THR C 103 4.63 -5.17 11.56
N HIS C 104 4.97 -3.91 11.33
CA HIS C 104 5.99 -3.20 12.09
C HIS C 104 5.92 -1.72 11.75
N GLY C 105 6.61 -0.88 12.53
CA GLY C 105 6.50 0.56 12.30
C GLY C 105 7.33 1.29 13.33
N ASP C 106 7.43 2.61 13.18
CA ASP C 106 8.09 3.40 14.25
C ASP C 106 7.26 3.36 15.50
N THR C 107 7.89 3.07 16.62
CA THR C 107 7.13 2.96 17.89
C THR C 107 6.34 4.22 18.25
N ASP C 108 6.96 5.39 18.18
CA ASP C 108 6.28 6.61 18.59
C ASP C 108 5.12 6.90 17.65
N TYR C 109 5.31 6.69 16.34
CA TYR C 109 4.18 6.87 15.41
C TYR C 109 3.02 5.90 15.73
N LEU C 110 3.34 4.65 16.01
CA LEU C 110 2.28 3.70 16.32
C LEU C 110 1.61 4.07 17.66
N SER C 111 2.37 4.59 18.62
CA SER C 111 1.73 5.09 19.88
C SER C 111 0.68 6.18 19.61
N TRP C 112 1.02 7.15 18.76
CA TRP C 112 0.08 8.25 18.36
C TRP C 112 -1.15 7.71 17.60
N LEU C 113 -0.91 6.77 16.70
CA LEU C 113 -1.99 6.16 15.94
C LEU C 113 -2.95 5.41 16.85
N ASN C 114 -2.42 4.58 17.77
CA ASN C 114 -3.26 3.93 18.77
C ASN C 114 -4.04 4.88 19.62
N ALA C 115 -3.38 5.91 20.14
CA ALA C 115 -4.07 6.92 20.91
C ALA C 115 -5.09 7.69 20.08
N SER C 116 -4.88 7.85 18.75
CA SER C 116 -5.82 8.61 17.93
C SER C 116 -7.20 7.97 17.86
N LEU C 117 -7.26 6.68 17.99
CA LEU C 117 -8.53 5.96 17.90
C LEU C 117 -9.27 5.96 19.25
N ARG C 118 -8.70 6.67 20.23
CA ARG C 118 -9.36 6.95 21.49
C ARG C 118 -9.91 8.44 21.58
NA NA D . 12.87 13.64 12.22
C ACT E . 7.57 -1.72 17.77
O ACT E . 7.47 -0.70 18.55
OXT ACT E . 8.61 -2.51 17.98
CH3 ACT E . 6.56 -2.01 16.67
C ACT F . -10.43 12.83 -9.10
O ACT F . -9.34 13.29 -8.65
OXT ACT F . -11.41 13.62 -8.95
CH3 ACT F . -10.52 11.49 -9.70
MG MG G . -0.94 -4.59 12.22
#